data_6XIF
#
_entry.id   6XIF
#
_cell.length_a   70.330
_cell.length_b   70.330
_cell.length_c   164.090
_cell.angle_alpha   90.000
_cell.angle_beta   90.000
_cell.angle_gamma   120.000
#
_symmetry.space_group_name_H-M   'P 31 2 1'
#
loop_
_entity.id
_entity.type
_entity.pdbx_description
1 polymer 'Proprotein convertase subtilisin/kexin type 9'
2 polymer 'Proprotein convertase subtilisin/kexin type 9'
3 polymer 'Peptide 83'
4 non-polymer GLYCEROL
5 water water
#
loop_
_entity_poly.entity_id
_entity_poly.type
_entity_poly.pdbx_seq_one_letter_code
_entity_poly.pdbx_strand_id
1 'polypeptide(L)'
;QEDEDGDYEELVLALRSEEDGLAEAPEHGTTATFHRCAKDPWRLPGTYVVVLKEETHLSQSERTARRLQAQAARRGYLTK
ILHVFHGLLPGFLVKMSGDLLELALKLPHVDYIEEDSSVFAQ
;
A
2 'polypeptide(L)'
;SIPWNLERITPPRYRADEYQPPDGGSLVEVYLLDTSIQSDHREIEGRVMVTDFENVPEEDGTRFHRQASKCDSHGTHLAG
VVSGRDAGVAKGASMRSLRVLNCQGKGTVSGTLIGLEFIRKSQLVQPVGPLVVLLPLAGGYSRVLNAACQRLARAGVVLV
TAAGNFRDDACLYSPASAPEVITVGATNAQDQPVTLGTLGTNFGRCVDLFAPGEDIIGASSDCSTCFVSQSGTSQAAAHV
AGIAAMMLSAEPELTLAELRQRLIHFSAKDVINEAWFPEDQRVLTPNLVAALPPSTHGAGNSHHHHHH
;
B
3 'polypeptide(L)' (Z9J)A(DAL)(APD)(V7P)(GNC)(OLT)(0A1)(3WX) I
#
# COMPACT_ATOMS: atom_id res chain seq x y z
N THR A 31 -3.10 -14.13 -26.98
CA THR A 31 -3.31 -14.30 -25.54
C THR A 31 -3.12 -13.02 -24.72
N ALA A 32 -2.69 -11.91 -25.33
CA ALA A 32 -2.51 -10.67 -24.57
C ALA A 32 -3.88 -10.04 -24.35
N THR A 33 -4.15 -9.58 -23.12
CA THR A 33 -5.47 -9.01 -22.77
C THR A 33 -5.38 -7.54 -22.33
N PHE A 34 -6.49 -6.83 -22.41
CA PHE A 34 -6.56 -5.42 -22.00
C PHE A 34 -7.45 -5.34 -20.75
N HIS A 35 -7.07 -4.49 -19.79
CA HIS A 35 -7.81 -4.31 -18.54
C HIS A 35 -7.88 -2.83 -18.19
N ARG A 36 -9.03 -2.39 -17.65
CA ARG A 36 -9.19 -1.02 -17.19
C ARG A 36 -10.05 -1.03 -15.92
N CYS A 37 -9.85 -0.04 -15.08
CA CYS A 37 -10.57 0.06 -13.81
C CYS A 37 -12.08 0.00 -13.97
N ALA A 38 -12.71 -0.90 -13.21
CA ALA A 38 -14.17 -1.08 -13.20
C ALA A 38 -14.88 0.12 -12.54
N LYS A 39 -14.16 0.94 -11.75
CA LYS A 39 -14.74 2.13 -11.16
C LYS A 39 -14.43 3.23 -12.16
N ASP A 40 -15.37 3.46 -13.06
CA ASP A 40 -15.19 4.39 -14.15
C ASP A 40 -14.66 5.78 -13.75
N PRO A 41 -15.12 6.44 -12.66
CA PRO A 41 -14.54 7.76 -12.32
C PRO A 41 -13.05 7.71 -11.91
N TRP A 42 -12.51 6.51 -11.62
CA TRP A 42 -11.10 6.38 -11.19
C TRP A 42 -10.13 6.05 -12.32
N ARG A 43 -10.66 5.77 -13.52
CA ARG A 43 -9.85 5.51 -14.71
C ARG A 43 -9.04 6.73 -15.10
N LEU A 44 -7.86 6.51 -15.66
CA LEU A 44 -7.02 7.59 -16.16
C LEU A 44 -6.66 7.28 -17.61
N PRO A 45 -7.61 7.45 -18.56
CA PRO A 45 -7.30 7.15 -19.97
C PRO A 45 -6.12 7.95 -20.55
N GLY A 46 -5.44 7.35 -21.53
CA GLY A 46 -4.31 8.00 -22.17
C GLY A 46 -2.95 7.59 -21.63
N THR A 47 -2.93 6.80 -20.53
CA THR A 47 -1.68 6.28 -19.97
C THR A 47 -1.88 4.80 -19.71
N TYR A 48 -1.00 3.96 -20.25
CA TYR A 48 -1.14 2.53 -20.15
C TYR A 48 0.10 1.86 -19.61
N VAL A 49 -0.10 0.77 -18.86
CA VAL A 49 0.98 -0.04 -18.34
C VAL A 49 1.03 -1.28 -19.18
N VAL A 50 2.12 -1.42 -19.96
CA VAL A 50 2.28 -2.59 -20.80
C VAL A 50 3.08 -3.62 -20.01
N VAL A 51 2.46 -4.75 -19.65
CA VAL A 51 3.10 -5.75 -18.83
C VAL A 51 3.52 -6.90 -19.69
N LEU A 52 4.81 -7.20 -19.67
CA LEU A 52 5.36 -8.25 -20.49
C LEU A 52 5.45 -9.56 -19.71
N LYS A 53 5.65 -10.68 -20.40
CA LYS A 53 5.70 -11.98 -19.76
C LYS A 53 6.79 -12.09 -18.74
N GLU A 54 6.56 -12.90 -17.70
CA GLU A 54 7.52 -13.19 -16.65
C GLU A 54 8.83 -13.69 -17.28
N GLU A 55 9.94 -13.14 -16.84
CA GLU A 55 11.28 -13.48 -17.35
C GLU A 55 11.64 -12.72 -18.64
N THR A 56 10.80 -11.77 -19.10
CA THR A 56 11.21 -10.88 -20.20
C THR A 56 12.29 -9.95 -19.60
N HIS A 57 13.41 -9.80 -20.29
CA HIS A 57 14.54 -9.02 -19.82
C HIS A 57 14.38 -7.54 -20.10
N LEU A 58 15.02 -6.68 -19.30
CA LEU A 58 15.01 -5.22 -19.49
C LEU A 58 15.32 -4.81 -20.94
N SER A 59 16.33 -5.43 -21.55
CA SER A 59 16.69 -5.13 -22.95
C SER A 59 15.51 -5.42 -23.89
N GLN A 60 14.78 -6.51 -23.65
CA GLN A 60 13.61 -6.90 -24.47
C GLN A 60 12.48 -5.92 -24.23
N SER A 61 12.28 -5.45 -22.98
CA SER A 61 11.23 -4.48 -22.69
C SER A 61 11.54 -3.15 -23.37
N GLU A 62 12.83 -2.74 -23.41
CA GLU A 62 13.19 -1.50 -24.07
C GLU A 62 12.99 -1.63 -25.57
N ARG A 63 13.32 -2.79 -26.18
CA ARG A 63 13.10 -2.99 -27.61
C ARG A 63 11.57 -2.94 -27.90
N THR A 64 10.76 -3.57 -27.05
CA THR A 64 9.30 -3.58 -27.26
C THR A 64 8.73 -2.18 -27.19
N ALA A 65 9.21 -1.37 -26.25
CA ALA A 65 8.77 0.01 -26.11
C ALA A 65 9.17 0.81 -27.37
N ARG A 66 10.43 0.66 -27.87
CA ARG A 66 10.85 1.37 -29.10
C ARG A 66 10.00 0.92 -30.31
N ARG A 67 9.68 -0.36 -30.37
CA ARG A 67 8.90 -0.92 -31.46
C ARG A 67 7.50 -0.31 -31.48
N LEU A 68 6.84 -0.19 -30.31
CA LEU A 68 5.53 0.47 -30.24
C LEU A 68 5.62 1.92 -30.73
N GLN A 69 6.65 2.67 -30.29
CA GLN A 69 6.82 4.05 -30.72
C GLN A 69 6.99 4.19 -32.22
N ALA A 70 7.75 3.28 -32.85
CA ALA A 70 7.97 3.28 -34.30
C ALA A 70 6.66 2.93 -35.07
N GLN A 71 5.94 1.88 -34.65
CA GLN A 71 4.70 1.50 -35.33
C GLN A 71 3.61 2.57 -35.16
N ALA A 72 3.54 3.20 -33.99
CA ALA A 72 2.55 4.25 -33.74
C ALA A 72 2.87 5.48 -34.60
N ALA A 73 4.16 5.84 -34.72
CA ALA A 73 4.58 6.99 -35.51
C ALA A 73 4.27 6.78 -36.99
N ARG A 74 4.39 5.54 -37.51
CA ARG A 74 4.03 5.23 -38.91
C ARG A 74 2.54 5.48 -39.18
N ARG A 75 1.70 5.32 -38.14
CA ARG A 75 0.25 5.56 -38.17
C ARG A 75 -0.14 7.00 -37.85
N GLY A 76 0.83 7.87 -37.63
CA GLY A 76 0.62 9.29 -37.33
C GLY A 76 0.33 9.61 -35.88
N TYR A 77 0.69 8.69 -34.96
CA TYR A 77 0.43 8.89 -33.54
C TYR A 77 1.69 9.24 -32.75
N LEU A 78 1.59 10.21 -31.87
CA LEU A 78 2.68 10.56 -30.99
C LEU A 78 2.55 9.72 -29.71
N THR A 79 3.67 9.19 -29.20
CA THR A 79 3.66 8.42 -27.96
C THR A 79 4.82 8.91 -27.09
N LYS A 80 4.79 8.56 -25.79
CA LYS A 80 5.88 8.89 -24.89
C LYS A 80 6.10 7.74 -23.94
N ILE A 81 7.33 7.20 -23.86
CA ILE A 81 7.62 6.13 -22.92
C ILE A 81 7.98 6.83 -21.62
N LEU A 82 7.10 6.74 -20.62
CA LEU A 82 7.28 7.43 -19.35
C LEU A 82 8.23 6.71 -18.42
N HIS A 83 8.26 5.38 -18.47
CA HIS A 83 9.11 4.59 -17.59
C HIS A 83 9.25 3.19 -18.14
N VAL A 84 10.40 2.55 -17.88
CA VAL A 84 10.60 1.15 -18.27
C VAL A 84 10.79 0.38 -16.98
N PHE A 85 9.90 -0.57 -16.72
CA PHE A 85 9.92 -1.40 -15.54
C PHE A 85 10.81 -2.62 -15.67
N HIS A 86 11.44 -2.97 -14.55
CA HIS A 86 12.24 -4.17 -14.39
C HIS A 86 12.53 -4.34 -12.90
N GLY A 87 12.58 -5.58 -12.43
CA GLY A 87 12.83 -5.84 -11.02
C GLY A 87 11.71 -6.62 -10.37
N LEU A 88 10.47 -6.20 -10.61
CA LEU A 88 9.31 -6.91 -10.10
C LEU A 88 8.56 -7.43 -11.36
N LEU A 89 8.12 -6.51 -12.20
CA LEU A 89 7.42 -6.86 -13.42
C LEU A 89 8.16 -6.28 -14.57
N PRO A 90 8.31 -7.01 -15.68
CA PRO A 90 8.88 -6.41 -16.88
C PRO A 90 7.78 -5.66 -17.66
N GLY A 91 8.11 -4.52 -18.22
CA GLY A 91 7.16 -3.77 -19.02
C GLY A 91 7.52 -2.32 -19.15
N PHE A 92 6.53 -1.48 -19.46
CA PHE A 92 6.76 -0.04 -19.58
C PHE A 92 5.46 0.74 -19.42
N LEU A 93 5.57 2.01 -19.11
CA LEU A 93 4.46 2.93 -18.93
C LEU A 93 4.47 3.85 -20.15
N VAL A 94 3.34 3.92 -20.87
CA VAL A 94 3.29 4.70 -22.09
C VAL A 94 2.10 5.63 -22.12
N LYS A 95 2.35 6.89 -22.54
CA LYS A 95 1.32 7.87 -22.72
C LYS A 95 1.01 7.84 -24.21
N MET A 96 -0.19 7.39 -24.55
CA MET A 96 -0.57 7.28 -25.95
C MET A 96 -2.09 7.21 -26.05
N SER A 97 -2.61 7.40 -27.25
CA SER A 97 -4.04 7.25 -27.49
C SER A 97 -4.39 5.76 -27.34
N GLY A 98 -5.54 5.48 -26.72
CA GLY A 98 -6.03 4.12 -26.61
C GLY A 98 -6.32 3.50 -27.98
N ASP A 99 -6.41 4.32 -29.06
CA ASP A 99 -6.59 3.78 -30.42
C ASP A 99 -5.50 2.77 -30.79
N LEU A 100 -4.32 2.90 -30.18
CA LEU A 100 -3.16 2.04 -30.42
C LEU A 100 -3.19 0.73 -29.64
N LEU A 101 -4.22 0.46 -28.82
CA LEU A 101 -4.25 -0.74 -27.99
C LEU A 101 -4.29 -2.05 -28.76
N GLU A 102 -5.05 -2.14 -29.88
CA GLU A 102 -5.05 -3.38 -30.66
C GLU A 102 -3.64 -3.68 -31.20
N LEU A 103 -2.95 -2.66 -31.66
CA LEU A 103 -1.56 -2.78 -32.18
C LEU A 103 -0.63 -3.19 -31.00
N ALA A 104 -0.76 -2.52 -29.86
CA ALA A 104 0.10 -2.79 -28.70
C ALA A 104 -0.06 -4.20 -28.17
N LEU A 105 -1.27 -4.76 -28.21
CA LEU A 105 -1.48 -6.13 -27.77
C LEU A 105 -0.81 -7.17 -28.68
N LYS A 106 -0.42 -6.77 -29.89
CA LYS A 106 0.27 -7.67 -30.82
C LYS A 106 1.81 -7.56 -30.72
N LEU A 107 2.34 -6.71 -29.82
CA LEU A 107 3.79 -6.57 -29.66
C LEU A 107 4.36 -7.83 -29.06
N PRO A 108 5.62 -8.19 -29.38
CA PRO A 108 6.21 -9.38 -28.76
C PRO A 108 6.28 -9.24 -27.23
N HIS A 109 6.21 -10.37 -26.54
CA HIS A 109 6.36 -10.48 -25.09
C HIS A 109 5.19 -9.99 -24.26
N VAL A 110 4.16 -9.37 -24.87
CA VAL A 110 3.05 -8.80 -24.08
C VAL A 110 2.23 -9.85 -23.34
N ASP A 111 2.04 -9.64 -22.04
CA ASP A 111 1.18 -10.50 -21.22
C ASP A 111 -0.20 -9.81 -21.17
N TYR A 112 -0.21 -8.54 -20.78
CA TYR A 112 -1.45 -7.77 -20.73
C TYR A 112 -1.15 -6.31 -20.68
N ILE A 113 -2.18 -5.48 -20.89
CA ILE A 113 -2.02 -4.04 -20.83
C ILE A 113 -3.15 -3.53 -19.91
N GLU A 114 -2.81 -2.63 -19.02
CA GLU A 114 -3.79 -2.07 -18.10
C GLU A 114 -3.78 -0.56 -18.19
N GLU A 115 -4.96 0.05 -18.34
CA GLU A 115 -5.08 1.49 -18.35
C GLU A 115 -4.78 1.98 -16.92
N ASP A 116 -4.02 3.07 -16.79
CA ASP A 116 -3.68 3.60 -15.47
C ASP A 116 -4.94 4.06 -14.73
N SER A 117 -4.89 4.05 -13.40
CA SER A 117 -6.05 4.46 -12.61
C SER A 117 -5.61 5.06 -11.29
N SER A 118 -6.53 5.73 -10.60
CA SER A 118 -6.22 6.42 -9.37
C SER A 118 -6.18 5.51 -8.15
N VAL A 119 -5.35 5.88 -7.17
CA VAL A 119 -5.33 5.29 -5.84
C VAL A 119 -5.54 6.48 -4.86
N PHE A 120 -6.07 6.20 -3.67
CA PHE A 120 -6.38 7.25 -2.72
C PHE A 120 -5.92 6.93 -1.33
N ALA A 121 -5.55 7.96 -0.56
CA ALA A 121 -5.17 7.78 0.84
C ALA A 121 -6.35 7.19 1.61
N GLN A 122 -6.11 6.17 2.44
CA GLN A 122 -7.16 5.58 3.24
C GLN A 122 -7.04 6.00 4.71
N SER B 1 -2.12 7.55 31.86
CA SER B 1 -3.03 7.62 30.72
C SER B 1 -2.27 7.42 29.40
N ILE B 2 -2.71 6.46 28.58
CA ILE B 2 -2.06 6.13 27.31
C ILE B 2 -3.12 6.17 26.17
N PRO B 3 -2.75 6.39 24.88
CA PRO B 3 -3.76 6.33 23.81
C PRO B 3 -4.39 4.93 23.78
N TRP B 4 -5.74 4.85 23.72
CA TRP B 4 -6.50 3.62 23.81
C TRP B 4 -5.98 2.49 22.93
N ASN B 5 -5.55 2.84 21.71
CA ASN B 5 -5.09 1.88 20.71
C ASN B 5 -3.79 1.22 21.12
N LEU B 6 -2.90 1.97 21.78
CA LEU B 6 -1.64 1.41 22.26
C LEU B 6 -1.85 0.48 23.43
N GLU B 7 -2.86 0.74 24.25
CA GLU B 7 -3.24 -0.14 25.35
C GLU B 7 -3.92 -1.41 24.79
N ARG B 8 -4.75 -1.24 23.75
CA ARG B 8 -5.51 -2.33 23.12
C ARG B 8 -4.61 -3.40 22.51
N ILE B 9 -3.48 -3.00 21.92
CA ILE B 9 -2.57 -3.97 21.32
C ILE B 9 -1.57 -4.57 22.32
N THR B 10 -1.44 -4.00 23.53
CA THR B 10 -0.51 -4.47 24.56
C THR B 10 -1.21 -5.49 25.45
N PRO B 11 -0.81 -6.78 25.43
CA PRO B 11 -1.50 -7.77 26.26
C PRO B 11 -1.22 -7.64 27.77
N ASP B 23 11.45 0.00 23.23
CA ASP B 23 11.58 0.40 21.84
C ASP B 23 11.92 -0.77 20.93
N GLY B 24 10.90 -1.48 20.49
CA GLY B 24 11.10 -2.63 19.62
C GLY B 24 11.00 -2.33 18.15
N GLY B 25 11.28 -3.34 17.34
CA GLY B 25 11.24 -3.21 15.89
C GLY B 25 12.53 -2.68 15.29
N SER B 26 13.63 -2.57 16.09
CA SER B 26 14.89 -1.99 15.61
C SER B 26 15.56 -2.73 14.44
N LEU B 27 15.28 -4.03 14.23
CA LEU B 27 15.92 -4.74 13.11
C LEU B 27 15.22 -4.56 11.77
N VAL B 28 14.05 -3.92 11.77
CA VAL B 28 13.23 -3.80 10.58
C VAL B 28 13.20 -2.41 10.06
N GLU B 29 13.17 -2.27 8.72
CA GLU B 29 12.95 -0.97 8.10
C GLU B 29 11.54 -1.00 7.53
N VAL B 30 10.78 0.04 7.79
CA VAL B 30 9.43 0.15 7.27
C VAL B 30 9.40 1.21 6.19
N TYR B 31 9.05 0.82 4.98
CA TYR B 31 8.90 1.75 3.89
C TYR B 31 7.45 2.26 3.90
N LEU B 32 7.25 3.52 3.61
CA LEU B 32 5.91 4.10 3.58
C LEU B 32 5.70 4.79 2.24
N LEU B 33 4.64 4.42 1.54
CA LEU B 33 4.29 5.03 0.25
C LEU B 33 3.07 5.85 0.56
N ASP B 34 3.25 7.17 0.64
CA ASP B 34 2.18 8.01 1.12
C ASP B 34 2.35 9.45 0.56
N THR B 35 1.74 10.42 1.23
CA THR B 35 1.88 11.81 0.87
C THR B 35 3.31 12.21 1.32
N SER B 36 3.68 13.49 1.13
CA SER B 36 4.90 14.02 1.70
C SER B 36 4.79 13.92 3.25
N ILE B 37 5.94 13.92 3.95
CA ILE B 37 5.92 13.83 5.40
C ILE B 37 6.68 15.02 6.00
N GLN B 38 6.22 15.51 7.16
CA GLN B 38 6.92 16.59 7.85
C GLN B 38 7.95 15.87 8.67
N SER B 39 9.12 15.58 8.06
CA SER B 39 10.16 14.77 8.71
C SER B 39 10.82 15.39 9.93
N ASP B 40 10.72 16.72 10.13
CA ASP B 40 11.32 17.30 11.33
C ASP B 40 10.30 17.51 12.47
N HIS B 41 9.11 16.89 12.39
CA HIS B 41 8.14 16.91 13.50
C HIS B 41 8.81 16.16 14.67
N ARG B 42 8.72 16.68 15.93
CA ARG B 42 9.42 16.05 17.06
C ARG B 42 9.09 14.60 17.29
N GLU B 43 7.90 14.18 16.87
CA GLU B 43 7.48 12.81 17.07
C GLU B 43 8.27 11.82 16.19
N ILE B 44 8.70 12.25 15.00
CA ILE B 44 9.37 11.36 14.07
C ILE B 44 10.73 11.84 13.56
N GLU B 45 11.24 12.98 14.04
CA GLU B 45 12.56 13.49 13.59
C GLU B 45 13.65 12.42 13.85
N GLY B 46 14.51 12.17 12.89
CA GLY B 46 15.56 11.15 13.05
C GLY B 46 15.09 9.72 12.89
N ARG B 47 13.77 9.49 12.78
CA ARG B 47 13.20 8.15 12.62
C ARG B 47 12.79 7.85 11.17
N VAL B 48 12.50 8.88 10.40
CA VAL B 48 12.10 8.71 9.00
C VAL B 48 13.07 9.36 8.06
N MET B 49 13.63 8.58 7.13
CA MET B 49 14.53 9.11 6.12
C MET B 49 13.69 9.32 4.86
N VAL B 50 13.60 10.57 4.40
CA VAL B 50 12.83 10.89 3.21
C VAL B 50 13.64 10.53 1.96
N THR B 51 13.17 9.57 1.16
CA THR B 51 13.88 9.22 -0.09
C THR B 51 13.67 10.35 -1.13
N ASP B 52 14.46 10.36 -2.22
CA ASP B 52 14.22 11.36 -3.28
C ASP B 52 12.97 11.00 -4.15
N PHE B 53 12.34 9.85 -3.90
CA PHE B 53 11.25 9.37 -4.72
C PHE B 53 9.99 10.20 -4.65
N GLU B 54 9.50 10.60 -5.80
CA GLU B 54 8.24 11.29 -5.90
C GLU B 54 7.60 10.94 -7.23
N ASN B 55 6.34 10.44 -7.22
CA ASN B 55 5.63 10.17 -8.46
C ASN B 55 4.17 10.39 -8.13
N VAL B 56 3.68 11.61 -8.39
CA VAL B 56 2.32 11.98 -8.02
C VAL B 56 1.59 12.68 -9.17
N PRO B 57 0.26 12.52 -9.25
CA PRO B 57 -0.50 13.24 -10.27
C PRO B 57 -0.70 14.72 -9.88
N GLU B 58 -1.00 15.59 -10.87
CA GLU B 58 -1.25 17.01 -10.58
C GLU B 58 -2.53 17.16 -9.74
N GLU B 59 -2.63 18.24 -8.93
CA GLU B 59 -3.83 18.47 -8.12
C GLU B 59 -5.01 18.87 -9.00
N ASP B 60 -6.23 18.48 -8.62
CA ASP B 60 -7.44 18.78 -9.39
C ASP B 60 -7.80 20.27 -9.34
N SER B 69 1.12 22.31 5.18
CA SER B 69 0.44 21.93 6.43
C SER B 69 -0.62 20.84 6.19
N LYS B 70 -1.23 20.83 5.00
CA LYS B 70 -2.23 19.82 4.66
C LYS B 70 -1.63 18.77 3.71
N CYS B 71 -0.64 19.16 2.86
CA CYS B 71 0.01 18.25 1.92
C CYS B 71 0.64 17.04 2.61
N ASP B 72 1.18 17.23 3.82
CA ASP B 72 1.88 16.18 4.55
C ASP B 72 1.11 15.60 5.73
N SER B 73 -0.16 15.99 5.90
CA SER B 73 -0.98 15.54 7.00
C SER B 73 -1.08 14.01 7.14
N HIS B 74 -1.49 13.31 6.07
CA HIS B 74 -1.73 11.88 6.12
C HIS B 74 -0.46 11.05 6.43
N GLY B 75 0.61 11.32 5.69
CA GLY B 75 1.86 10.59 5.88
C GLY B 75 2.54 10.84 7.20
N THR B 76 2.52 12.09 7.69
CA THR B 76 3.12 12.43 8.99
C THR B 76 2.44 11.69 10.12
N HIS B 77 1.11 11.60 10.09
CA HIS B 77 0.35 10.90 11.11
C HIS B 77 0.69 9.43 11.06
N LEU B 78 0.73 8.80 9.86
CA LEU B 78 1.03 7.38 9.77
C LEU B 78 2.44 7.03 10.17
N ALA B 79 3.42 7.86 9.81
CA ALA B 79 4.82 7.66 10.26
C ALA B 79 4.88 7.64 11.80
N GLY B 80 4.11 8.52 12.43
CA GLY B 80 4.01 8.57 13.88
C GLY B 80 3.34 7.34 14.45
N VAL B 81 2.29 6.79 13.79
CA VAL B 81 1.62 5.58 14.31
C VAL B 81 2.62 4.41 14.34
N VAL B 82 3.43 4.29 13.29
CA VAL B 82 4.40 3.20 13.22
C VAL B 82 5.53 3.34 14.23
N SER B 83 6.20 4.50 14.28
CA SER B 83 7.41 4.60 15.10
C SER B 83 7.59 5.87 15.92
N GLY B 84 6.54 6.66 16.10
CA GLY B 84 6.64 7.90 16.87
C GLY B 84 7.14 7.74 18.30
N ARG B 85 7.93 8.73 18.77
CA ARG B 85 8.49 8.78 20.13
C ARG B 85 7.46 8.57 21.24
N ASP B 86 6.34 9.30 21.19
CA ASP B 86 5.34 9.22 22.25
C ASP B 86 4.18 8.31 21.94
N ALA B 87 3.76 8.25 20.66
CA ALA B 87 2.54 7.49 20.33
C ALA B 87 2.71 6.38 19.29
N GLY B 88 3.94 5.95 19.02
CA GLY B 88 4.21 4.90 18.05
C GLY B 88 4.13 3.49 18.58
N VAL B 89 3.92 2.52 17.68
CA VAL B 89 3.82 1.10 18.01
C VAL B 89 5.20 0.44 18.14
N ALA B 90 6.07 0.64 17.14
CA ALA B 90 7.41 0.06 17.09
C ALA B 90 8.38 1.23 17.12
N LYS B 91 8.60 1.78 18.32
CA LYS B 91 9.43 2.96 18.53
C LYS B 91 10.91 2.82 18.12
N GLY B 92 11.39 1.59 17.95
CA GLY B 92 12.77 1.35 17.55
C GLY B 92 12.95 1.17 16.04
N ALA B 93 11.85 1.04 15.28
CA ALA B 93 11.94 0.83 13.84
C ALA B 93 12.39 2.07 13.10
N SER B 94 13.10 1.87 11.98
CA SER B 94 13.48 2.98 11.12
C SER B 94 12.50 3.01 9.94
N MET B 95 12.23 4.19 9.39
CA MET B 95 11.31 4.31 8.28
C MET B 95 11.93 5.02 7.10
N ARG B 96 11.50 4.65 5.91
CA ARG B 96 11.94 5.33 4.69
C ARG B 96 10.65 5.71 3.96
N SER B 97 10.53 6.96 3.53
CA SER B 97 9.31 7.41 2.87
C SER B 97 9.48 7.71 1.38
N LEU B 98 8.45 7.35 0.60
CA LEU B 98 8.32 7.58 -0.84
C LEU B 98 7.02 8.35 -1.04
N ARG B 99 7.06 9.41 -1.84
CA ARG B 99 5.84 10.19 -2.06
C ARG B 99 5.09 9.70 -3.29
N VAL B 100 3.99 8.98 -3.09
CA VAL B 100 3.15 8.51 -4.19
C VAL B 100 1.74 9.17 -4.17
N LEU B 101 1.42 9.98 -3.14
CA LEU B 101 0.13 10.65 -3.02
C LEU B 101 0.36 12.16 -3.01
N ASN B 102 -0.44 12.88 -3.80
CA ASN B 102 -0.31 14.33 -3.92
C ASN B 102 -0.93 15.05 -2.71
N CYS B 103 -0.99 16.39 -2.73
CA CYS B 103 -1.55 17.16 -1.61
C CYS B 103 -2.97 16.79 -1.25
N GLN B 104 -3.73 16.26 -2.22
CA GLN B 104 -5.10 15.84 -1.97
C GLN B 104 -5.24 14.34 -1.61
N GLY B 105 -4.11 13.65 -1.43
CA GLY B 105 -4.12 12.25 -1.07
C GLY B 105 -4.37 11.35 -2.26
N LYS B 106 -4.16 11.85 -3.50
CA LYS B 106 -4.39 11.04 -4.68
C LYS B 106 -3.09 10.64 -5.36
N GLY B 107 -3.06 9.41 -5.80
CA GLY B 107 -1.93 8.89 -6.55
C GLY B 107 -2.40 8.12 -7.76
N THR B 108 -1.50 7.37 -8.39
CA THR B 108 -1.86 6.54 -9.53
C THR B 108 -1.35 5.13 -9.28
N VAL B 109 -1.94 4.14 -9.97
CA VAL B 109 -1.43 2.77 -9.92
C VAL B 109 0.03 2.75 -10.48
N SER B 110 0.31 3.51 -11.56
CA SER B 110 1.66 3.50 -12.14
C SER B 110 2.69 4.11 -11.20
N GLY B 111 2.33 5.18 -10.52
CA GLY B 111 3.20 5.79 -9.53
C GLY B 111 3.52 4.85 -8.39
N THR B 112 2.51 4.09 -7.92
CA THR B 112 2.69 3.09 -6.85
C THR B 112 3.57 1.94 -7.37
N LEU B 113 3.38 1.50 -8.64
CA LEU B 113 4.21 0.46 -9.26
C LEU B 113 5.68 0.89 -9.28
N ILE B 114 5.93 2.14 -9.69
CA ILE B 114 7.29 2.68 -9.76
C ILE B 114 7.91 2.78 -8.36
N GLY B 115 7.09 3.12 -7.37
CA GLY B 115 7.52 3.15 -5.98
C GLY B 115 7.88 1.79 -5.43
N LEU B 116 7.08 0.75 -5.72
CA LEU B 116 7.35 -0.62 -5.29
C LEU B 116 8.65 -1.13 -5.96
N GLU B 117 8.84 -0.79 -7.24
CA GLU B 117 10.06 -1.16 -7.94
C GLU B 117 11.28 -0.45 -7.29
N PHE B 118 11.12 0.83 -6.93
CA PHE B 118 12.17 1.62 -6.27
C PHE B 118 12.61 0.98 -4.94
N ILE B 119 11.66 0.45 -4.15
CA ILE B 119 11.96 -0.21 -2.87
C ILE B 119 12.81 -1.46 -3.12
N ARG B 120 12.40 -2.29 -4.09
CA ARG B 120 13.16 -3.50 -4.41
C ARG B 120 14.56 -3.13 -4.94
N LYS B 121 14.67 -2.07 -5.77
CA LYS B 121 15.99 -1.65 -6.28
C LYS B 121 16.88 -1.17 -5.12
N SER B 122 16.28 -0.41 -4.20
CA SER B 122 16.99 0.10 -3.04
C SER B 122 17.52 -1.03 -2.18
N GLN B 123 16.70 -2.07 -1.97
CA GLN B 123 17.06 -3.23 -1.19
C GLN B 123 18.20 -4.03 -1.83
N LEU B 124 18.16 -4.23 -3.17
CA LEU B 124 19.22 -4.99 -3.84
C LEU B 124 20.57 -4.25 -3.76
N VAL B 125 20.54 -2.92 -3.84
CA VAL B 125 21.72 -2.06 -3.81
C VAL B 125 22.35 -2.03 -2.43
N GLN B 126 21.52 -1.95 -1.37
CA GLN B 126 22.02 -1.90 0.00
C GLN B 126 21.13 -2.70 0.95
N PRO B 127 21.28 -4.03 0.97
CA PRO B 127 20.41 -4.84 1.83
C PRO B 127 20.58 -4.56 3.32
N VAL B 128 19.45 -4.61 4.03
CA VAL B 128 19.42 -4.43 5.48
C VAL B 128 18.70 -5.70 6.05
N GLY B 129 17.91 -5.61 7.12
CA GLY B 129 17.21 -6.76 7.66
C GLY B 129 15.84 -6.90 7.02
N PRO B 130 14.89 -7.49 7.75
CA PRO B 130 13.53 -7.64 7.20
C PRO B 130 12.92 -6.29 6.83
N LEU B 131 12.21 -6.24 5.71
CA LEU B 131 11.57 -5.02 5.22
C LEU B 131 10.06 -5.19 5.32
N VAL B 132 9.39 -4.15 5.77
CA VAL B 132 7.94 -4.10 5.83
C VAL B 132 7.54 -2.92 4.96
N VAL B 133 6.59 -3.09 4.04
CA VAL B 133 6.16 -1.99 3.17
C VAL B 133 4.72 -1.69 3.56
N LEU B 134 4.44 -0.44 3.91
CA LEU B 134 3.11 -0.03 4.30
C LEU B 134 2.47 0.73 3.14
N LEU B 135 1.30 0.26 2.70
CA LEU B 135 0.56 0.81 1.58
C LEU B 135 -0.79 1.30 2.11
N PRO B 136 -0.84 2.54 2.59
CA PRO B 136 -2.07 3.05 3.22
C PRO B 136 -2.96 3.69 2.16
N LEU B 137 -3.20 2.96 1.08
CA LEU B 137 -3.92 3.50 -0.07
C LEU B 137 -4.74 2.43 -0.76
N ALA B 138 -5.70 2.86 -1.58
CA ALA B 138 -6.52 1.91 -2.30
C ALA B 138 -7.07 2.55 -3.56
N GLY B 139 -7.20 1.72 -4.58
CA GLY B 139 -7.90 2.02 -5.82
C GLY B 139 -8.77 0.81 -6.15
N GLY B 140 -9.33 0.75 -7.35
CA GLY B 140 -10.14 -0.39 -7.76
C GLY B 140 -9.23 -1.60 -7.95
N TYR B 141 -9.80 -2.79 -8.11
CA TYR B 141 -9.04 -4.01 -8.39
C TYR B 141 -8.13 -3.77 -9.61
N SER B 142 -6.83 -4.04 -9.44
CA SER B 142 -5.84 -3.80 -10.46
C SER B 142 -5.01 -5.05 -10.62
N ARG B 143 -5.08 -5.68 -11.78
CA ARG B 143 -4.29 -6.89 -12.05
C ARG B 143 -2.79 -6.61 -11.89
N VAL B 144 -2.34 -5.47 -12.41
CA VAL B 144 -0.92 -5.13 -12.38
C VAL B 144 -0.43 -4.76 -10.97
N LEU B 145 -1.21 -4.00 -10.19
CA LEU B 145 -0.79 -3.68 -8.82
C LEU B 145 -0.76 -4.94 -7.97
N ASN B 146 -1.73 -5.87 -8.18
CA ASN B 146 -1.73 -7.12 -7.42
C ASN B 146 -0.53 -7.98 -7.82
N ALA B 147 -0.18 -8.01 -9.11
CA ALA B 147 0.95 -8.81 -9.56
C ALA B 147 2.27 -8.26 -9.02
N ALA B 148 2.42 -6.94 -8.98
CA ALA B 148 3.65 -6.33 -8.48
C ALA B 148 3.79 -6.59 -6.98
N CYS B 149 2.67 -6.53 -6.23
CA CYS B 149 2.68 -6.83 -4.80
C CYS B 149 3.02 -8.29 -4.59
N GLN B 150 2.43 -9.18 -5.41
CA GLN B 150 2.68 -10.62 -5.33
C GLN B 150 4.17 -10.92 -5.55
N ARG B 151 4.78 -10.26 -6.54
CA ARG B 151 6.19 -10.45 -6.87
C ARG B 151 7.09 -9.94 -5.73
N LEU B 152 6.77 -8.77 -5.16
CA LEU B 152 7.56 -8.21 -4.07
C LEU B 152 7.45 -9.07 -2.81
N ALA B 153 6.25 -9.60 -2.53
CA ALA B 153 6.06 -10.50 -1.40
C ALA B 153 6.83 -11.82 -1.63
N ARG B 154 6.75 -12.39 -2.85
CA ARG B 154 7.50 -13.62 -3.17
C ARG B 154 9.02 -13.38 -3.11
N ALA B 155 9.47 -12.15 -3.34
CA ALA B 155 10.88 -11.77 -3.21
C ALA B 155 11.36 -11.68 -1.72
N GLY B 156 10.43 -11.83 -0.76
CA GLY B 156 10.76 -11.85 0.65
C GLY B 156 10.45 -10.60 1.42
N VAL B 157 9.73 -9.64 0.81
CA VAL B 157 9.40 -8.39 1.48
C VAL B 157 7.94 -8.50 2.07
N VAL B 158 7.70 -7.97 3.28
CA VAL B 158 6.37 -8.08 3.89
C VAL B 158 5.55 -6.85 3.49
N LEU B 159 4.36 -7.04 2.91
CA LEU B 159 3.54 -5.89 2.52
C LEU B 159 2.29 -5.88 3.40
N VAL B 160 1.92 -4.69 3.90
CA VAL B 160 0.76 -4.46 4.74
C VAL B 160 -0.04 -3.35 4.08
N THR B 161 -1.34 -3.57 3.87
CA THR B 161 -2.16 -2.57 3.22
C THR B 161 -3.49 -2.32 3.94
N ALA B 162 -4.04 -1.16 3.72
CA ALA B 162 -5.34 -0.79 4.25
C ALA B 162 -6.39 -1.61 3.50
N ALA B 163 -7.39 -2.14 4.21
CA ALA B 163 -8.47 -2.89 3.54
C ALA B 163 -9.35 -2.01 2.64
N GLY B 164 -9.36 -0.69 2.91
CA GLY B 164 -10.18 0.28 2.19
C GLY B 164 -11.30 0.78 3.10
N ASN B 165 -11.74 2.02 2.90
CA ASN B 165 -12.72 2.70 3.76
C ASN B 165 -14.08 2.82 3.04
N PHE B 166 -14.46 1.81 2.27
CA PHE B 166 -15.66 1.90 1.43
C PHE B 166 -16.86 1.12 1.90
N ARG B 167 -16.79 0.52 3.10
CA ARG B 167 -17.85 -0.34 3.68
C ARG B 167 -18.25 -1.40 2.66
N ASP B 168 -17.25 -2.02 2.04
CA ASP B 168 -17.46 -2.92 0.93
C ASP B 168 -16.51 -4.10 1.01
N ASP B 169 -16.60 -5.04 0.06
CA ASP B 169 -15.76 -6.22 -0.01
C ASP B 169 -14.38 -5.74 -0.47
N ALA B 170 -13.36 -5.99 0.36
CA ALA B 170 -11.97 -5.61 0.07
C ALA B 170 -11.47 -6.27 -1.22
N CYS B 171 -12.04 -7.41 -1.64
CA CYS B 171 -11.63 -8.08 -2.90
C CYS B 171 -11.83 -7.22 -4.14
N LEU B 172 -12.61 -6.14 -4.04
CA LEU B 172 -12.87 -5.27 -5.20
C LEU B 172 -11.89 -4.10 -5.30
N TYR B 173 -10.87 -4.05 -4.42
CA TYR B 173 -9.93 -2.95 -4.34
C TYR B 173 -8.50 -3.49 -4.36
N SER B 174 -7.56 -2.63 -4.71
CA SER B 174 -6.15 -3.00 -4.74
C SER B 174 -5.34 -1.94 -4.06
N PRO B 175 -4.24 -2.30 -3.36
CA PRO B 175 -3.71 -3.67 -3.17
C PRO B 175 -4.44 -4.56 -2.18
N ALA B 176 -5.56 -4.11 -1.57
CA ALA B 176 -6.29 -4.95 -0.61
C ALA B 176 -6.60 -6.38 -1.09
N SER B 177 -6.95 -6.56 -2.35
CA SER B 177 -7.34 -7.88 -2.89
C SER B 177 -6.17 -8.82 -3.20
N ALA B 178 -4.93 -8.33 -3.14
CA ALA B 178 -3.77 -9.19 -3.40
C ALA B 178 -3.60 -10.20 -2.25
N PRO B 179 -3.70 -11.53 -2.50
CA PRO B 179 -3.61 -12.50 -1.38
C PRO B 179 -2.28 -12.52 -0.61
N GLU B 180 -1.19 -12.17 -1.27
CA GLU B 180 0.14 -12.14 -0.64
C GLU B 180 0.37 -10.92 0.28
N VAL B 181 -0.53 -9.93 0.24
CA VAL B 181 -0.40 -8.74 1.08
C VAL B 181 -1.22 -8.92 2.36
N ILE B 182 -0.72 -8.42 3.52
CA ILE B 182 -1.49 -8.50 4.77
C ILE B 182 -2.50 -7.35 4.72
N THR B 183 -3.77 -7.67 4.54
CA THR B 183 -4.82 -6.67 4.37
C THR B 183 -5.52 -6.38 5.70
N VAL B 184 -5.54 -5.11 6.12
CA VAL B 184 -5.98 -4.76 7.46
C VAL B 184 -7.23 -3.90 7.52
N GLY B 185 -8.27 -4.42 8.13
CA GLY B 185 -9.47 -3.62 8.36
C GLY B 185 -9.37 -2.85 9.67
N ALA B 186 -10.31 -1.91 9.92
CA ALA B 186 -10.24 -1.08 11.13
C ALA B 186 -11.35 -1.37 12.14
N THR B 187 -10.96 -1.45 13.41
CA THR B 187 -11.89 -1.57 14.53
C THR B 187 -11.76 -0.37 15.49
N ASN B 188 -12.82 -0.11 16.26
CA ASN B 188 -12.82 1.00 17.21
C ASN B 188 -12.60 0.50 18.66
N ALA B 189 -12.71 1.39 19.65
CA ALA B 189 -12.51 1.04 21.06
C ALA B 189 -13.53 0.06 21.62
N GLN B 190 -14.67 -0.15 20.95
CA GLN B 190 -15.63 -1.18 21.37
C GLN B 190 -15.30 -2.54 20.66
N ASP B 191 -14.14 -2.62 19.93
CA ASP B 191 -13.68 -3.73 19.09
C ASP B 191 -14.64 -3.98 17.93
N GLN B 192 -15.36 -2.94 17.47
CA GLN B 192 -16.32 -3.04 16.37
C GLN B 192 -15.81 -2.38 15.11
N PRO B 193 -16.35 -2.74 13.93
CA PRO B 193 -15.83 -2.16 12.69
C PRO B 193 -16.07 -0.66 12.64
N VAL B 194 -15.05 0.08 12.24
CA VAL B 194 -15.12 1.52 12.22
C VAL B 194 -16.08 2.07 11.16
N THR B 195 -16.87 3.08 11.55
CA THR B 195 -17.68 3.83 10.61
C THR B 195 -16.89 5.09 10.31
N LEU B 196 -16.87 5.47 9.05
CA LEU B 196 -16.14 6.63 8.57
C LEU B 196 -17.11 7.39 7.70
N GLY B 197 -17.79 8.38 8.29
CA GLY B 197 -18.84 9.12 7.59
C GLY B 197 -19.99 8.18 7.26
N THR B 198 -20.47 8.16 6.02
CA THR B 198 -21.49 7.18 5.62
C THR B 198 -20.88 5.82 5.32
N LEU B 199 -19.55 5.72 5.24
CA LEU B 199 -18.91 4.45 4.90
C LEU B 199 -18.19 3.87 6.13
N GLY B 200 -17.07 3.19 5.93
CA GLY B 200 -16.37 2.57 7.05
C GLY B 200 -15.42 1.49 6.55
N THR B 201 -14.88 0.69 7.48
CA THR B 201 -13.94 -0.35 7.05
C THR B 201 -14.52 -1.33 6.04
N ASN B 202 -13.65 -1.76 5.13
CA ASN B 202 -13.98 -2.84 4.24
C ASN B 202 -13.91 -4.16 5.05
N PHE B 203 -14.41 -5.25 4.45
CA PHE B 203 -14.55 -6.58 5.08
C PHE B 203 -14.42 -7.67 3.99
N GLY B 204 -14.74 -8.91 4.35
CA GLY B 204 -14.73 -10.00 3.40
C GLY B 204 -13.52 -10.91 3.51
N ARG B 205 -13.42 -11.87 2.59
CA ARG B 205 -12.38 -12.87 2.60
C ARG B 205 -10.97 -12.36 2.24
N CYS B 206 -10.86 -11.16 1.66
CA CYS B 206 -9.54 -10.61 1.34
C CYS B 206 -8.92 -9.86 2.55
N VAL B 207 -9.68 -9.65 3.64
CA VAL B 207 -9.15 -9.01 4.85
C VAL B 207 -8.48 -10.10 5.69
N ASP B 208 -7.25 -9.83 6.16
CA ASP B 208 -6.55 -10.81 6.98
C ASP B 208 -6.90 -10.65 8.46
N LEU B 209 -7.00 -9.41 8.91
CA LEU B 209 -7.36 -9.11 10.30
C LEU B 209 -7.70 -7.65 10.46
N PHE B 210 -8.23 -7.29 11.63
CA PHE B 210 -8.55 -5.92 11.93
C PHE B 210 -7.55 -5.39 12.96
N ALA B 211 -7.45 -4.10 13.08
CA ALA B 211 -6.58 -3.47 14.08
C ALA B 211 -7.18 -2.10 14.42
N PRO B 212 -6.79 -1.51 15.58
CA PRO B 212 -7.33 -0.19 15.94
C PRO B 212 -7.19 0.86 14.86
N GLY B 213 -8.31 1.46 14.49
CA GLY B 213 -8.33 2.45 13.42
C GLY B 213 -9.31 3.58 13.65
N GLU B 214 -9.64 3.87 14.92
CA GLU B 214 -10.52 4.99 15.22
C GLU B 214 -9.89 5.87 16.29
N ASP B 215 -9.95 7.22 16.13
CA ASP B 215 -9.43 8.17 17.12
C ASP B 215 -8.00 7.84 17.51
N ILE B 216 -7.15 7.59 16.50
CA ILE B 216 -5.76 7.27 16.73
C ILE B 216 -4.97 8.53 16.89
N ILE B 217 -4.42 8.76 18.07
CA ILE B 217 -3.61 9.95 18.32
C ILE B 217 -2.29 9.76 17.60
N GLY B 218 -1.85 10.79 16.89
CA GLY B 218 -0.59 10.73 16.16
C GLY B 218 -0.11 12.10 15.74
N ALA B 219 1.16 12.18 15.28
CA ALA B 219 1.75 13.44 14.86
C ALA B 219 0.92 14.23 13.87
N SER B 220 0.70 15.51 14.18
CA SER B 220 -0.01 16.41 13.30
C SER B 220 1.02 17.30 12.65
N SER B 221 0.95 17.44 11.32
CA SER B 221 1.89 18.29 10.62
C SER B 221 1.59 19.79 10.77
N ASP B 222 0.55 20.18 11.54
CA ASP B 222 0.19 21.60 11.76
C ASP B 222 1.27 22.34 12.53
N CYS B 223 1.94 21.67 13.46
CA CYS B 223 3.07 22.25 14.20
C CYS B 223 4.03 21.12 14.64
N SER B 224 5.29 21.47 14.96
CA SER B 224 6.32 20.47 15.29
C SER B 224 6.03 19.57 16.49
N THR B 225 5.13 19.98 17.38
CA THR B 225 4.75 19.17 18.55
C THR B 225 3.25 18.84 18.58
N CYS B 226 2.49 19.21 17.54
CA CYS B 226 1.05 19.01 17.49
C CYS B 226 0.70 17.57 17.32
N PHE B 227 -0.45 17.16 17.87
CA PHE B 227 -0.99 15.81 17.74
C PHE B 227 -2.46 15.92 17.35
N VAL B 228 -2.93 14.97 16.52
CA VAL B 228 -4.31 14.95 16.06
C VAL B 228 -4.79 13.49 16.01
N SER B 229 -6.10 13.27 16.25
CA SER B 229 -6.62 11.91 16.17
C SER B 229 -7.22 11.70 14.77
N GLN B 230 -6.94 10.54 14.18
CA GLN B 230 -7.46 10.21 12.85
C GLN B 230 -8.02 8.79 12.84
N SER B 231 -8.94 8.53 11.90
CA SER B 231 -9.56 7.21 11.76
C SER B 231 -9.48 6.74 10.31
N GLY B 232 -9.36 5.43 10.11
CA GLY B 232 -9.26 4.87 8.77
C GLY B 232 -8.54 3.54 8.76
N THR B 233 -8.70 2.79 7.66
CA THR B 233 -7.98 1.53 7.54
C THR B 233 -6.47 1.81 7.34
N SER B 234 -6.05 3.03 6.96
CA SER B 234 -4.61 3.32 6.86
C SER B 234 -4.01 3.32 8.29
N GLN B 235 -4.74 3.87 9.28
CA GLN B 235 -4.26 3.84 10.67
C GLN B 235 -4.19 2.42 11.18
N ALA B 236 -5.18 1.61 10.83
CA ALA B 236 -5.21 0.21 11.23
C ALA B 236 -4.03 -0.56 10.60
N ALA B 237 -3.77 -0.31 9.31
CA ALA B 237 -2.65 -0.97 8.61
C ALA B 237 -1.32 -0.56 9.27
N ALA B 238 -1.20 0.72 9.68
CA ALA B 238 0.04 1.21 10.33
C ALA B 238 0.29 0.51 11.66
N HIS B 239 -0.78 0.14 12.38
CA HIS B 239 -0.67 -0.63 13.61
C HIS B 239 -0.10 -2.01 13.30
N VAL B 240 -0.62 -2.68 12.26
CA VAL B 240 -0.15 -4.02 11.89
C VAL B 240 1.29 -3.95 11.35
N ALA B 241 1.68 -2.84 10.68
CA ALA B 241 3.06 -2.68 10.21
C ALA B 241 4.00 -2.59 11.43
N GLY B 242 3.57 -1.89 12.48
CA GLY B 242 4.33 -1.75 13.73
C GLY B 242 4.40 -3.08 14.46
N ILE B 243 3.27 -3.81 14.55
CA ILE B 243 3.27 -5.13 15.20
C ILE B 243 4.18 -6.11 14.43
N ALA B 244 4.13 -6.09 13.10
CA ALA B 244 4.97 -6.94 12.26
C ALA B 244 6.45 -6.59 12.49
N ALA B 245 6.79 -5.30 12.58
CA ALA B 245 8.17 -4.86 12.85
C ALA B 245 8.64 -5.40 14.21
N MET B 246 7.77 -5.34 15.23
CA MET B 246 8.13 -5.89 16.55
C MET B 246 8.30 -7.41 16.48
N MET B 247 7.41 -8.10 15.78
CA MET B 247 7.46 -9.56 15.64
C MET B 247 8.68 -10.04 14.86
N LEU B 248 8.98 -9.39 13.75
CA LEU B 248 10.15 -9.74 12.94
C LEU B 248 11.45 -9.37 13.65
N SER B 249 11.46 -8.35 14.51
CA SER B 249 12.69 -8.02 15.24
C SER B 249 12.99 -9.07 16.29
N ALA B 250 11.94 -9.61 16.93
CA ALA B 250 12.09 -10.65 17.94
C ALA B 250 12.45 -12.00 17.29
N GLU B 251 11.83 -12.30 16.11
CA GLU B 251 12.07 -13.56 15.39
C GLU B 251 12.38 -13.23 13.91
N PRO B 252 13.62 -12.78 13.60
CA PRO B 252 13.92 -12.34 12.22
C PRO B 252 13.83 -13.39 11.13
N GLU B 253 13.91 -14.67 11.48
CA GLU B 253 13.86 -15.72 10.49
C GLU B 253 12.46 -16.10 10.04
N LEU B 254 11.40 -15.51 10.63
CA LEU B 254 10.02 -15.82 10.22
C LEU B 254 9.79 -15.66 8.72
N THR B 255 9.18 -16.65 8.09
CA THR B 255 8.78 -16.50 6.69
C THR B 255 7.46 -15.67 6.72
N LEU B 256 6.97 -15.24 5.55
CA LEU B 256 5.70 -14.52 5.48
C LEU B 256 4.55 -15.37 6.02
N ALA B 257 4.53 -16.68 5.70
CA ALA B 257 3.48 -17.58 6.20
C ALA B 257 3.52 -17.71 7.71
N GLU B 258 4.72 -17.78 8.30
CA GLU B 258 4.88 -17.85 9.75
C GLU B 258 4.49 -16.53 10.43
N LEU B 259 4.86 -15.39 9.84
CA LEU B 259 4.49 -14.08 10.38
C LEU B 259 2.94 -13.96 10.42
N ARG B 260 2.26 -14.45 9.35
CA ARG B 260 0.80 -14.41 9.32
C ARG B 260 0.21 -15.29 10.40
N GLN B 261 0.80 -16.47 10.65
CA GLN B 261 0.37 -17.40 11.70
C GLN B 261 0.50 -16.70 13.06
N ARG B 262 1.61 -15.97 13.30
CA ARG B 262 1.83 -15.27 14.57
C ARG B 262 0.81 -14.16 14.74
N LEU B 263 0.52 -13.40 13.67
CA LEU B 263 -0.45 -12.29 13.78
C LEU B 263 -1.82 -12.81 14.19
N ILE B 264 -2.25 -13.93 13.59
CA ILE B 264 -3.53 -14.54 13.94
C ILE B 264 -3.48 -15.09 15.36
N HIS B 265 -2.39 -15.81 15.71
CA HIS B 265 -2.24 -16.39 17.04
C HIS B 265 -2.35 -15.35 18.17
N PHE B 266 -1.66 -14.22 18.05
CA PHE B 266 -1.67 -13.21 19.10
C PHE B 266 -2.86 -12.25 19.06
N SER B 267 -3.72 -12.36 18.03
CA SER B 267 -4.91 -11.53 17.87
C SER B 267 -5.99 -11.88 18.89
N ALA B 268 -6.84 -10.90 19.25
CA ALA B 268 -8.02 -11.17 20.06
C ALA B 268 -9.02 -11.84 19.10
N LYS B 269 -9.66 -12.92 19.54
CA LYS B 269 -10.57 -13.67 18.66
C LYS B 269 -12.04 -13.51 19.01
N ASP B 270 -12.87 -13.41 17.96
CA ASP B 270 -14.32 -13.37 18.07
C ASP B 270 -14.91 -12.21 18.87
N VAL B 271 -14.16 -11.10 19.05
CA VAL B 271 -14.68 -9.95 19.79
C VAL B 271 -15.44 -8.97 18.89
N ILE B 272 -15.31 -9.07 17.56
CA ILE B 272 -16.07 -8.18 16.66
C ILE B 272 -17.49 -8.74 16.55
N ASN B 273 -18.50 -7.87 16.58
CA ASN B 273 -19.87 -8.31 16.41
C ASN B 273 -20.07 -8.39 14.91
N GLU B 274 -20.05 -9.60 14.37
CA GLU B 274 -20.14 -9.86 12.94
C GLU B 274 -21.48 -9.41 12.30
N ALA B 275 -22.47 -9.03 13.11
CA ALA B 275 -23.73 -8.50 12.58
C ALA B 275 -23.52 -7.15 11.83
N TRP B 276 -22.43 -6.42 12.12
CA TRP B 276 -22.13 -5.16 11.40
C TRP B 276 -21.81 -5.43 9.93
N PHE B 277 -21.29 -6.63 9.61
CA PHE B 277 -20.98 -6.98 8.23
C PHE B 277 -22.24 -7.46 7.55
N PRO B 278 -22.33 -7.28 6.22
CA PRO B 278 -23.46 -7.86 5.46
C PRO B 278 -23.54 -9.37 5.66
N GLU B 279 -24.78 -9.92 5.70
CA GLU B 279 -25.02 -11.34 6.02
C GLU B 279 -24.06 -12.33 5.33
N ASP B 280 -23.85 -12.23 4.01
CA ASP B 280 -22.97 -13.20 3.33
C ASP B 280 -21.48 -13.03 3.62
N GLN B 281 -21.09 -11.90 4.22
CA GLN B 281 -19.68 -11.65 4.54
C GLN B 281 -19.28 -12.11 5.94
N ARG B 282 -20.24 -12.49 6.79
CA ARG B 282 -19.98 -12.91 8.17
C ARG B 282 -19.08 -14.13 8.29
N VAL B 283 -19.32 -15.19 7.51
CA VAL B 283 -18.45 -16.37 7.60
C VAL B 283 -17.08 -16.17 6.90
N LEU B 284 -17.02 -15.23 5.95
CA LEU B 284 -15.83 -14.92 5.17
C LEU B 284 -14.88 -13.96 5.86
N THR B 285 -15.39 -13.10 6.73
CA THR B 285 -14.55 -12.09 7.38
C THR B 285 -13.88 -12.63 8.64
N PRO B 286 -12.53 -12.53 8.73
CA PRO B 286 -11.84 -13.02 9.92
C PRO B 286 -12.20 -12.20 11.14
N ASN B 287 -12.56 -12.87 12.23
CA ASN B 287 -12.92 -12.15 13.45
C ASN B 287 -11.68 -12.14 14.33
N LEU B 288 -10.77 -11.21 14.03
CA LEU B 288 -9.45 -11.07 14.65
C LEU B 288 -9.11 -9.60 14.82
N VAL B 289 -8.63 -9.18 15.99
CA VAL B 289 -8.15 -7.82 16.24
C VAL B 289 -6.71 -7.96 16.65
N ALA B 290 -5.78 -7.37 15.89
CA ALA B 290 -4.34 -7.51 16.11
C ALA B 290 -3.84 -7.07 17.47
N ALA B 291 -2.80 -7.75 17.96
CA ALA B 291 -2.17 -7.36 19.20
C ALA B 291 -0.70 -7.87 19.20
N LEU B 292 0.13 -7.22 20.01
CA LEU B 292 1.54 -7.56 20.18
C LEU B 292 1.64 -8.88 20.96
N PRO B 293 2.74 -9.64 20.77
CA PRO B 293 2.93 -10.84 21.62
C PRO B 293 3.23 -10.41 23.07
N PRO B 294 2.98 -11.28 24.07
CA PRO B 294 3.24 -10.87 25.47
C PRO B 294 4.70 -11.00 25.85
N ALA C 2 -10.44 11.63 20.77
CA ALA C 2 -10.56 12.52 19.62
C ALA C 2 -10.17 13.98 19.85
#